data_9U3N
#
_entry.id   9U3N
#
_cell.length_a   63.069
_cell.length_b   88.713
_cell.length_c   127.420
_cell.angle_alpha   90.000
_cell.angle_beta   90.000
_cell.angle_gamma   90.000
#
_symmetry.space_group_name_H-M   'P 21 21 21'
#
loop_
_entity.id
_entity.type
_entity.pdbx_description
1 polymer 'Fibroblast growth factor receptor 2'
2 non-polymer ~{N}-[4-[4-azanyl-7-methyl-5-[2-(3-methylimidazo[4,5-b]pyridin-6-yl)ethynyl]pyrrolo[2,3-d]pyrimidin-6-yl]phenyl]prop-2-enamide
#
_entity_poly.entity_id   1
_entity_poly.type   'polypeptide(L)'
_entity_poly.pdbx_seq_one_letter_code
;PMLAGVSEYELPEDPKWEFPRDKLTLGKPLGEGCFGQVVMAEAVGIDKDKPKEAVTVAVKMLKDDATEKDLSDLVSEMEM
MKMIGKHKNIINLLGACTQDGPLYVIFEYASKGNLREYLRARRPPGMEYSYDINRVPEEQMTFKDLVSCTYQLARGMEYL
ASQKCIHRDLAARNVLVTENNVMKIADFGLARDINNIDYYKKTTNGRLPVKWMAPEALFDRVYTHQSDVWSFGVLMWEIF
TLGGSPYPGIPVEELFKLLKEGHRMDKPANCTNELYMMMRDCWHAVPSQRPTFKQLVEDLDRILTLTTNEE
;
_entity_poly.pdbx_strand_id   A,B
#
# COMPACT_ATOMS: atom_id res chain seq x y z
N ALA A 4 24.32 12.91 4.16
CA ALA A 4 24.37 13.39 2.76
C ALA A 4 24.23 12.22 1.80
N GLY A 5 24.20 12.52 0.48
CA GLY A 5 23.89 11.55 -0.55
C GLY A 5 25.13 10.86 -1.11
N VAL A 6 26.06 11.64 -1.69
CA VAL A 6 27.33 11.09 -2.14
C VAL A 6 27.85 10.20 -1.02
N SER A 7 27.76 8.88 -1.23
CA SER A 7 28.06 7.88 -0.22
C SER A 7 29.07 8.40 0.81
N GLU A 8 28.65 8.45 2.09
CA GLU A 8 29.52 8.86 3.19
C GLU A 8 29.76 7.68 4.13
N TYR A 9 28.68 7.16 4.71
CA TYR A 9 28.73 6.13 5.74
C TYR A 9 28.00 4.87 5.28
N GLU A 10 27.42 4.90 4.08
CA GLU A 10 26.66 3.78 3.54
C GLU A 10 27.63 2.70 3.08
N LEU A 11 27.11 1.50 2.80
CA LEU A 11 27.90 0.39 2.28
C LEU A 11 27.63 0.21 0.78
N PRO A 12 28.48 0.77 -0.11
CA PRO A 12 28.40 0.49 -1.54
C PRO A 12 29.41 -0.57 -2.00
N GLU A 13 28.92 -1.78 -2.28
CA GLU A 13 29.76 -2.88 -2.71
C GLU A 13 30.15 -2.69 -4.18
N ASP A 14 31.25 -3.33 -4.57
CA ASP A 14 31.85 -3.15 -5.90
C ASP A 14 31.26 -4.18 -6.86
N PRO A 15 30.63 -3.75 -7.98
CA PRO A 15 30.02 -4.68 -8.93
C PRO A 15 30.82 -4.89 -10.22
N LYS A 16 30.24 -5.68 -11.13
CA LYS A 16 30.72 -5.82 -12.50
C LYS A 16 29.91 -4.89 -13.43
N TRP A 17 28.77 -4.41 -12.93
CA TRP A 17 27.86 -3.57 -13.70
C TRP A 17 28.41 -2.14 -13.82
N GLU A 18 29.29 -1.74 -12.89
CA GLU A 18 29.67 -0.35 -12.74
C GLU A 18 30.27 0.17 -14.04
N PHE A 19 29.95 1.43 -14.36
CA PHE A 19 30.39 2.09 -15.58
C PHE A 19 31.19 3.33 -15.19
N PRO A 20 32.25 3.70 -15.97
CA PRO A 20 32.95 4.96 -15.75
C PRO A 20 32.05 6.19 -15.78
N ARG A 21 32.11 7.00 -14.71
CA ARG A 21 31.35 8.24 -14.62
C ARG A 21 31.85 9.26 -15.65
N ASP A 22 32.99 8.96 -16.28
CA ASP A 22 33.64 9.87 -17.20
C ASP A 22 32.76 10.05 -18.45
N LYS A 23 32.48 8.92 -19.11
CA LYS A 23 31.89 8.92 -20.43
C LYS A 23 30.40 9.24 -20.35
N LEU A 24 29.77 8.87 -19.23
CA LEU A 24 28.40 9.23 -18.97
C LEU A 24 28.28 10.76 -18.93
N THR A 25 27.34 11.31 -19.70
CA THR A 25 27.07 12.74 -19.70
C THR A 25 25.56 12.93 -19.60
N LEU A 26 25.12 13.66 -18.56
CA LEU A 26 23.71 13.79 -18.23
C LEU A 26 23.12 15.01 -18.93
N GLY A 27 21.92 14.85 -19.48
CA GLY A 27 21.26 15.88 -20.27
C GLY A 27 19.85 16.15 -19.77
N LYS A 28 18.90 16.30 -20.70
CA LYS A 28 17.52 16.63 -20.39
C LYS A 28 16.89 15.54 -19.53
N PRO A 29 15.98 15.89 -18.59
CA PRO A 29 15.17 14.90 -17.89
C PRO A 29 14.04 14.37 -18.77
N LEU A 30 13.45 13.24 -18.39
CA LEU A 30 12.47 12.58 -19.22
C LEU A 30 11.14 12.48 -18.47
N GLY A 31 10.13 13.21 -18.95
CA GLY A 31 8.80 13.18 -18.37
C GLY A 31 8.80 13.68 -16.92
N GLU A 32 7.91 13.11 -16.11
CA GLU A 32 7.78 13.44 -14.69
C GLU A 32 8.35 12.29 -13.86
N GLY A 33 8.17 12.38 -12.53
CA GLY A 33 8.78 11.44 -11.61
C GLY A 33 7.74 10.67 -10.79
N CYS A 34 7.35 9.50 -11.30
CA CYS A 34 6.53 8.55 -10.56
C CYS A 34 7.38 7.33 -10.19
N PHE A 35 8.52 7.19 -10.89
CA PHE A 35 9.53 6.19 -10.57
C PHE A 35 10.66 6.89 -9.83
N GLY A 36 11.09 8.05 -10.35
CA GLY A 36 12.12 8.88 -9.72
C GLY A 36 12.55 10.02 -10.62
N GLN A 37 13.78 10.51 -10.45
CA GLN A 37 14.33 11.55 -11.30
C GLN A 37 15.17 10.92 -12.41
N VAL A 38 14.51 10.58 -13.52
CA VAL A 38 15.19 9.98 -14.67
C VAL A 38 15.69 11.12 -15.56
N VAL A 39 16.85 10.89 -16.19
CA VAL A 39 17.50 11.88 -17.04
C VAL A 39 18.05 11.19 -18.29
N MET A 40 17.87 11.84 -19.44
CA MET A 40 18.52 11.43 -20.68
C MET A 40 20.02 11.65 -20.52
N ALA A 41 20.78 10.54 -20.56
CA ALA A 41 22.23 10.58 -20.45
C ALA A 41 22.85 9.93 -21.68
N GLU A 42 24.08 10.35 -21.99
CA GLU A 42 24.80 9.83 -23.16
C GLU A 42 26.09 9.16 -22.70
N ALA A 43 26.03 7.83 -22.55
CA ALA A 43 27.20 7.03 -22.20
C ALA A 43 27.99 6.73 -23.48
N VAL A 44 29.28 6.39 -23.31
CA VAL A 44 30.12 5.99 -24.44
C VAL A 44 30.68 4.60 -24.15
N GLY A 45 30.41 3.66 -25.05
CA GLY A 45 30.93 2.31 -24.95
C GLY A 45 30.32 1.55 -23.78
N ILE A 46 29.08 1.09 -23.94
CA ILE A 46 28.37 0.38 -22.89
C ILE A 46 27.90 -0.99 -23.39
N ASP A 47 28.13 -1.32 -24.67
CA ASP A 47 27.60 -2.53 -25.26
C ASP A 47 28.57 -3.69 -25.08
N LYS A 48 29.79 -3.41 -24.60
CA LYS A 48 30.85 -4.40 -24.53
C LYS A 48 30.95 -5.11 -25.88
N ASP A 49 30.94 -4.30 -26.94
CA ASP A 49 30.94 -4.76 -28.32
C ASP A 49 31.05 -3.55 -29.26
N LYS A 50 30.52 -2.40 -28.82
CA LYS A 50 30.66 -1.14 -29.52
C LYS A 50 31.32 -0.11 -28.60
N PRO A 51 32.63 -0.21 -28.32
CA PRO A 51 33.34 0.82 -27.56
C PRO A 51 33.72 2.03 -28.41
N LYS A 52 34.02 3.15 -27.76
CA LYS A 52 34.24 4.43 -28.42
C LYS A 52 32.96 4.85 -29.16
N GLU A 53 32.01 3.93 -29.29
CA GLU A 53 30.71 4.20 -29.88
C GLU A 53 29.77 4.68 -28.78
N ALA A 54 29.43 5.97 -28.84
CA ALA A 54 28.58 6.60 -27.84
C ALA A 54 27.14 6.13 -28.02
N VAL A 55 26.36 6.20 -26.93
CA VAL A 55 25.01 5.68 -26.89
C VAL A 55 24.15 6.58 -26.00
N THR A 56 22.87 6.67 -26.33
CA THR A 56 21.90 7.41 -25.53
C THR A 56 21.30 6.45 -24.51
N VAL A 57 21.27 6.87 -23.23
CA VAL A 57 20.77 6.05 -22.14
C VAL A 57 19.89 6.92 -21.24
N ALA A 58 19.28 6.28 -20.23
CA ALA A 58 18.49 6.98 -19.22
C ALA A 58 19.00 6.62 -17.83
N VAL A 59 19.02 7.60 -16.91
CA VAL A 59 19.67 7.44 -15.62
C VAL A 59 18.79 7.98 -14.51
N LYS A 60 18.93 7.40 -13.31
CA LYS A 60 18.11 7.74 -12.17
C LYS A 60 18.97 8.37 -11.07
N MET A 61 19.11 9.70 -11.13
CA MET A 61 19.74 10.47 -10.07
C MET A 61 18.74 10.65 -8.92
N LEU A 62 19.22 11.21 -7.81
CA LEU A 62 18.40 11.42 -6.63
C LEU A 62 17.85 12.84 -6.62
N LYS A 63 16.79 13.06 -5.84
CA LYS A 63 16.08 14.32 -5.82
C LYS A 63 16.75 15.28 -4.84
N ASP A 64 16.37 16.56 -4.92
CA ASP A 64 16.93 17.60 -4.08
C ASP A 64 16.64 17.31 -2.61
N ASP A 65 15.37 17.01 -2.29
CA ASP A 65 14.96 16.71 -0.94
C ASP A 65 15.10 15.21 -0.68
N ALA A 66 16.31 14.69 -0.87
CA ALA A 66 16.59 13.27 -0.74
C ALA A 66 16.81 12.91 0.73
N THR A 67 16.85 11.61 1.02
CA THR A 67 16.95 11.07 2.36
C THR A 67 17.61 9.70 2.27
N GLU A 68 18.11 9.20 3.41
CA GLU A 68 18.66 7.85 3.49
C GLU A 68 17.72 6.86 2.80
N LYS A 69 16.43 6.93 3.15
CA LYS A 69 15.42 6.08 2.56
C LYS A 69 15.41 6.24 1.05
N ASP A 70 15.39 7.51 0.59
CA ASP A 70 15.30 7.82 -0.83
C ASP A 70 16.50 7.25 -1.59
N LEU A 71 17.62 7.08 -0.90
CA LEU A 71 18.77 6.39 -1.46
C LEU A 71 18.59 4.87 -1.32
N SER A 72 18.55 4.40 -0.07
CA SER A 72 18.53 2.98 0.25
C SER A 72 17.46 2.25 -0.55
N ASP A 73 16.39 2.96 -0.93
CA ASP A 73 15.36 2.41 -1.79
C ASP A 73 15.93 2.18 -3.20
N LEU A 74 16.65 3.17 -3.73
CA LEU A 74 17.17 3.12 -5.08
C LEU A 74 18.09 1.90 -5.25
N VAL A 75 18.98 1.67 -4.28
CA VAL A 75 19.95 0.58 -4.39
C VAL A 75 19.18 -0.73 -4.42
N SER A 76 18.16 -0.85 -3.56
CA SER A 76 17.37 -2.08 -3.46
C SER A 76 16.58 -2.30 -4.75
N GLU A 77 16.27 -1.21 -5.45
CA GLU A 77 15.65 -1.28 -6.77
C GLU A 77 16.68 -1.75 -7.80
N MET A 78 17.84 -1.08 -7.80
CA MET A 78 18.96 -1.44 -8.67
C MET A 78 19.23 -2.95 -8.55
N GLU A 79 19.11 -3.48 -7.33
CA GLU A 79 19.33 -4.90 -7.07
C GLU A 79 18.25 -5.74 -7.75
N MET A 80 17.00 -5.29 -7.67
CA MET A 80 15.90 -5.99 -8.33
C MET A 80 16.14 -6.06 -9.83
N MET A 81 16.40 -4.90 -10.44
CA MET A 81 16.57 -4.80 -11.89
C MET A 81 17.68 -5.71 -12.39
N LYS A 82 18.50 -6.24 -11.46
CA LYS A 82 19.51 -7.23 -11.78
C LYS A 82 18.94 -8.64 -11.64
N MET A 83 18.16 -8.87 -10.56
CA MET A 83 17.54 -10.16 -10.31
C MET A 83 16.58 -10.51 -11.46
N ILE A 84 15.71 -9.56 -11.83
CA ILE A 84 14.67 -9.79 -12.82
C ILE A 84 15.24 -10.55 -14.02
N GLY A 85 16.42 -10.14 -14.48
CA GLY A 85 17.01 -10.66 -15.71
C GLY A 85 16.79 -9.69 -16.87
N LYS A 86 16.86 -10.23 -18.09
CA LYS A 86 16.85 -9.43 -19.32
C LYS A 86 15.73 -9.91 -20.24
N HIS A 87 14.85 -8.98 -20.65
CA HIS A 87 13.79 -9.29 -21.60
C HIS A 87 13.64 -8.15 -22.61
N LYS A 88 13.12 -8.49 -23.79
CA LYS A 88 13.04 -7.59 -24.93
C LYS A 88 11.97 -6.52 -24.69
N ASN A 89 10.88 -6.89 -24.03
CA ASN A 89 9.72 -6.02 -23.89
C ASN A 89 9.69 -5.38 -22.50
N ILE A 90 10.87 -5.25 -21.87
CA ILE A 90 11.00 -4.55 -20.60
C ILE A 90 12.27 -3.70 -20.67
N ILE A 91 12.30 -2.62 -19.87
CA ILE A 91 13.48 -1.78 -19.75
C ILE A 91 14.40 -2.38 -18.69
N ASN A 92 15.60 -2.79 -19.12
CA ASN A 92 16.52 -3.51 -18.27
C ASN A 92 17.63 -2.58 -17.77
N LEU A 93 18.33 -3.03 -16.74
CA LEU A 93 19.50 -2.32 -16.23
C LEU A 93 20.62 -2.46 -17.25
N LEU A 94 21.11 -1.31 -17.74
CA LEU A 94 22.16 -1.28 -18.74
C LEU A 94 23.52 -1.18 -18.04
N GLY A 95 23.60 -0.32 -17.02
CA GLY A 95 24.80 -0.16 -16.22
C GLY A 95 24.54 0.68 -14.99
N ALA A 96 25.61 1.08 -14.28
CA ALA A 96 25.49 1.84 -13.05
C ALA A 96 26.79 2.58 -12.74
N CYS A 97 26.70 3.60 -11.87
CA CYS A 97 27.85 4.34 -11.40
C CYS A 97 27.78 4.47 -9.89
N THR A 98 28.22 3.42 -9.18
CA THR A 98 27.97 3.29 -7.76
C THR A 98 29.04 4.01 -6.95
N GLN A 99 30.25 3.41 -6.87
CA GLN A 99 31.25 3.84 -5.90
C GLN A 99 31.97 5.11 -6.34
N ASP A 100 32.57 5.79 -5.35
CA ASP A 100 33.39 6.98 -5.55
C ASP A 100 32.59 8.10 -6.21
N GLY A 101 31.47 8.47 -5.60
CA GLY A 101 30.67 9.59 -6.08
C GLY A 101 29.17 9.34 -5.91
N PRO A 102 28.32 10.12 -6.61
CA PRO A 102 26.87 9.96 -6.54
C PRO A 102 26.38 8.71 -7.26
N LEU A 103 25.24 8.17 -6.79
CA LEU A 103 24.69 6.94 -7.35
C LEU A 103 23.85 7.28 -8.57
N TYR A 104 24.26 6.73 -9.73
CA TYR A 104 23.49 6.80 -10.96
C TYR A 104 23.12 5.38 -11.37
N VAL A 105 21.90 5.21 -11.89
CA VAL A 105 21.43 3.93 -12.39
C VAL A 105 21.06 4.11 -13.86
N ILE A 106 21.74 3.35 -14.74
CA ILE A 106 21.62 3.51 -16.18
C ILE A 106 20.70 2.41 -16.74
N PHE A 107 19.62 2.82 -17.42
CA PHE A 107 18.69 1.89 -18.04
C PHE A 107 18.71 2.10 -19.55
N GLU A 108 17.77 1.44 -20.25
CA GLU A 108 17.62 1.56 -21.68
C GLU A 108 16.80 2.81 -22.01
N TYR A 109 17.29 3.60 -22.98
CA TYR A 109 16.58 4.77 -23.47
C TYR A 109 15.64 4.33 -24.60
N ALA A 110 14.52 5.04 -24.71
CA ALA A 110 13.54 4.83 -25.77
C ALA A 110 13.43 6.13 -26.58
N SER A 111 13.77 6.04 -27.87
CA SER A 111 13.78 7.20 -28.74
C SER A 111 12.37 7.75 -28.94
N LYS A 112 11.39 6.83 -29.01
CA LYS A 112 9.99 7.21 -29.12
C LYS A 112 9.43 7.38 -27.70
N GLY A 113 8.39 8.21 -27.57
CA GLY A 113 7.83 8.54 -26.27
C GLY A 113 6.98 7.41 -25.70
N ASN A 114 6.09 7.76 -24.77
CA ASN A 114 5.14 6.81 -24.20
C ASN A 114 4.11 6.46 -25.27
N LEU A 115 3.55 5.24 -25.15
CA LEU A 115 2.60 4.74 -26.13
C LEU A 115 1.47 5.74 -26.33
N ARG A 116 0.89 6.21 -25.23
CA ARG A 116 -0.22 7.15 -25.28
C ARG A 116 0.03 8.19 -26.34
N GLU A 117 1.17 8.88 -26.24
CA GLU A 117 1.48 10.00 -27.11
C GLU A 117 2.00 9.52 -28.46
N TYR A 118 2.53 8.28 -28.50
CA TYR A 118 2.96 7.67 -29.75
C TYR A 118 1.74 7.25 -30.56
N LEU A 119 0.76 6.63 -29.89
CA LEU A 119 -0.46 6.16 -30.52
C LEU A 119 -1.35 7.35 -30.88
N ARG A 120 -1.21 8.46 -30.15
CA ARG A 120 -2.01 9.65 -30.38
C ARG A 120 -1.46 10.47 -31.56
N ALA A 121 -0.30 10.08 -32.09
CA ALA A 121 0.30 10.76 -33.23
C ALA A 121 0.35 9.87 -34.46
N ARG A 122 -0.06 8.60 -34.32
CA ARG A 122 -0.07 7.65 -35.42
C ARG A 122 -1.48 7.11 -35.62
N ARG A 123 -2.48 8.02 -35.64
CA ARG A 123 -3.86 7.60 -35.80
C ARG A 123 -4.51 8.37 -36.96
N PRO A 124 -5.40 7.71 -37.74
CA PRO A 124 -6.12 8.38 -38.83
C PRO A 124 -6.66 9.75 -38.48
N GLU A 138 1.56 10.46 -39.07
CA GLU A 138 1.58 10.22 -40.54
C GLU A 138 1.88 8.75 -40.85
N GLU A 139 2.47 8.03 -39.89
CA GLU A 139 2.67 6.59 -40.00
C GLU A 139 1.40 5.87 -39.51
N GLN A 140 0.34 5.91 -40.32
CA GLN A 140 -0.97 5.42 -39.93
C GLN A 140 -0.83 4.00 -39.41
N MET A 141 -1.33 3.76 -38.19
CA MET A 141 -1.17 2.48 -37.51
C MET A 141 -2.17 1.49 -38.10
N THR A 142 -1.66 0.55 -38.92
CA THR A 142 -2.46 -0.57 -39.39
C THR A 142 -2.85 -1.39 -38.17
N PHE A 143 -4.08 -1.92 -38.16
CA PHE A 143 -4.53 -2.82 -37.11
C PHE A 143 -3.46 -3.90 -36.89
N LYS A 144 -2.83 -4.32 -37.98
CA LYS A 144 -1.78 -5.33 -37.96
C LYS A 144 -0.66 -4.92 -37.00
N ASP A 145 -0.35 -3.62 -36.96
CA ASP A 145 0.63 -3.09 -36.02
C ASP A 145 0.07 -3.17 -34.61
N LEU A 146 -1.19 -2.74 -34.43
CA LEU A 146 -1.82 -2.66 -33.12
C LEU A 146 -1.67 -3.97 -32.35
N VAL A 147 -1.76 -5.11 -33.06
CA VAL A 147 -1.84 -6.40 -32.41
C VAL A 147 -0.44 -6.89 -32.04
N SER A 148 0.59 -6.44 -32.76
CA SER A 148 1.97 -6.77 -32.42
C SER A 148 2.34 -6.10 -31.09
N CYS A 149 2.01 -4.82 -30.98
CA CYS A 149 2.20 -4.06 -29.76
C CYS A 149 1.67 -4.81 -28.54
N THR A 150 0.42 -5.29 -28.64
CA THR A 150 -0.25 -5.95 -27.54
C THR A 150 0.49 -7.24 -27.19
N TYR A 151 0.84 -8.02 -28.22
CA TYR A 151 1.53 -9.29 -28.04
C TYR A 151 2.83 -9.06 -27.28
N GLN A 152 3.64 -8.12 -27.78
CA GLN A 152 4.93 -7.80 -27.17
C GLN A 152 4.77 -7.61 -25.67
N LEU A 153 3.95 -6.62 -25.29
CA LEU A 153 3.76 -6.24 -23.90
C LEU A 153 3.33 -7.45 -23.08
N ALA A 154 2.34 -8.19 -23.58
CA ALA A 154 1.80 -9.36 -22.89
C ALA A 154 2.91 -10.34 -22.56
N ARG A 155 3.82 -10.59 -23.51
CA ARG A 155 4.87 -11.58 -23.33
C ARG A 155 5.92 -11.05 -22.35
N GLY A 156 6.09 -9.72 -22.31
CA GLY A 156 6.91 -9.07 -21.30
C GLY A 156 6.24 -9.15 -19.93
N MET A 157 4.95 -8.82 -19.89
CA MET A 157 4.15 -8.93 -18.69
C MET A 157 4.23 -10.36 -18.13
N GLU A 158 4.26 -11.34 -19.05
CA GLU A 158 4.39 -12.75 -18.68
C GLU A 158 5.77 -12.98 -18.04
N TYR A 159 6.82 -12.43 -18.66
CA TYR A 159 8.17 -12.54 -18.13
C TYR A 159 8.20 -11.93 -16.73
N LEU A 160 7.74 -10.68 -16.63
CA LEU A 160 7.70 -9.95 -15.36
C LEU A 160 6.95 -10.76 -14.31
N ALA A 161 5.88 -11.45 -14.75
CA ALA A 161 5.07 -12.26 -13.87
C ALA A 161 5.83 -13.49 -13.37
N SER A 162 6.77 -13.99 -14.18
CA SER A 162 7.53 -15.18 -13.84
C SER A 162 8.34 -14.97 -12.57
N GLN A 163 9.01 -13.81 -12.47
CA GLN A 163 9.87 -13.50 -11.34
C GLN A 163 9.10 -12.77 -10.24
N LYS A 164 7.76 -12.76 -10.36
CA LYS A 164 6.86 -12.37 -9.28
C LYS A 164 7.04 -10.88 -8.95
N CYS A 165 6.90 -10.04 -9.97
CA CYS A 165 6.96 -8.60 -9.81
C CYS A 165 5.64 -7.98 -10.25
N ILE A 166 5.16 -7.01 -9.47
CA ILE A 166 3.88 -6.35 -9.73
C ILE A 166 4.15 -5.00 -10.38
N HIS A 167 3.20 -4.57 -11.21
CA HIS A 167 3.31 -3.35 -11.99
C HIS A 167 2.55 -2.27 -11.23
N ARG A 168 3.24 -1.17 -10.91
CA ARG A 168 2.68 -0.12 -10.08
C ARG A 168 1.53 0.55 -10.83
N ASP A 169 1.85 1.10 -12.00
CA ASP A 169 0.87 1.81 -12.83
C ASP A 169 1.03 1.32 -14.26
N LEU A 170 0.34 0.22 -14.61
CA LEU A 170 0.38 -0.33 -15.95
C LEU A 170 -0.51 0.51 -16.85
N ALA A 171 0.09 1.58 -17.40
CA ALA A 171 -0.60 2.47 -18.33
C ALA A 171 0.31 2.76 -19.52
N ALA A 172 -0.28 3.28 -20.59
CA ALA A 172 0.45 3.59 -21.82
C ALA A 172 1.54 4.62 -21.54
N ARG A 173 1.24 5.55 -20.62
CA ARG A 173 2.19 6.56 -20.16
C ARG A 173 3.39 5.90 -19.48
N ASN A 174 3.16 4.78 -18.79
CA ASN A 174 4.22 4.05 -18.11
C ASN A 174 4.64 2.85 -18.96
N VAL A 175 4.68 3.04 -20.29
CA VAL A 175 5.14 2.06 -21.25
C VAL A 175 5.82 2.82 -22.38
N LEU A 176 6.93 2.27 -22.91
CA LEU A 176 7.77 3.03 -23.82
C LEU A 176 8.02 2.25 -25.11
N VAL A 177 8.46 3.00 -26.13
CA VAL A 177 8.67 2.51 -27.47
C VAL A 177 10.07 2.92 -27.92
N THR A 178 10.89 1.95 -28.32
CA THR A 178 12.25 2.23 -28.74
C THR A 178 12.22 2.83 -30.15
N GLU A 179 13.40 3.21 -30.65
CA GLU A 179 13.54 3.61 -32.05
C GLU A 179 13.28 2.42 -32.95
N ASN A 180 13.45 1.21 -32.40
CA ASN A 180 13.22 -0.04 -33.11
C ASN A 180 11.74 -0.43 -33.01
N ASN A 181 10.93 0.39 -32.31
CA ASN A 181 9.51 0.17 -32.13
C ASN A 181 9.26 -1.16 -31.41
N VAL A 182 10.11 -1.48 -30.43
CA VAL A 182 9.88 -2.63 -29.56
C VAL A 182 9.29 -2.08 -28.27
N MET A 183 8.08 -2.55 -27.93
CA MET A 183 7.31 -2.04 -26.81
C MET A 183 7.97 -2.49 -25.49
N LYS A 184 8.41 -1.51 -24.70
CA LYS A 184 9.08 -1.79 -23.44
C LYS A 184 8.21 -1.32 -22.28
N ILE A 185 8.04 -2.21 -21.28
CA ILE A 185 7.20 -1.95 -20.13
C ILE A 185 8.06 -1.37 -19.01
N ALA A 186 7.73 -0.15 -18.59
CA ALA A 186 8.28 0.42 -17.37
C ALA A 186 7.20 0.35 -16.28
N ASP A 187 7.62 0.37 -15.01
CA ASP A 187 6.74 0.46 -13.86
C ASP A 187 6.95 -0.70 -12.89
N PHE A 188 7.66 -1.75 -13.32
CA PHE A 188 7.85 -2.93 -12.49
C PHE A 188 8.63 -2.57 -11.23
N GLY A 189 9.15 -1.34 -11.17
CA GLY A 189 9.72 -0.79 -9.95
C GLY A 189 9.62 0.73 -9.93
N ASN A 205 5.95 9.62 -5.15
CA ASN A 205 4.97 9.00 -6.08
C ASN A 205 4.10 10.12 -6.67
N GLY A 206 2.88 9.78 -7.11
CA GLY A 206 1.92 10.75 -7.62
C GLY A 206 0.50 10.33 -7.29
N ARG A 207 -0.45 10.67 -8.18
CA ARG A 207 -1.83 10.27 -8.00
C ARG A 207 -1.96 8.77 -8.23
N LEU A 208 -3.11 8.21 -7.86
CA LEU A 208 -3.35 6.78 -7.98
C LEU A 208 -4.19 6.51 -9.22
N PRO A 209 -3.74 5.64 -10.15
CA PRO A 209 -4.52 5.29 -11.33
C PRO A 209 -5.68 4.35 -11.01
N VAL A 210 -6.85 4.94 -10.73
CA VAL A 210 -7.98 4.18 -10.23
C VAL A 210 -8.68 3.46 -11.38
N LYS A 211 -8.62 4.06 -12.57
CA LYS A 211 -9.35 3.56 -13.73
C LYS A 211 -8.65 2.33 -14.31
N TRP A 212 -7.37 2.15 -13.97
CA TRP A 212 -6.60 0.98 -14.41
C TRP A 212 -6.61 -0.10 -13.34
N MET A 213 -7.32 0.15 -12.23
CA MET A 213 -7.32 -0.76 -11.09
C MET A 213 -8.63 -1.54 -11.06
N ALA A 214 -8.51 -2.81 -10.63
CA ALA A 214 -9.62 -3.75 -10.63
C ALA A 214 -10.42 -3.61 -9.33
N PRO A 215 -11.72 -3.99 -9.33
CA PRO A 215 -12.56 -3.88 -8.14
C PRO A 215 -11.86 -4.30 -6.84
N GLU A 216 -11.31 -5.52 -6.82
CA GLU A 216 -10.67 -6.05 -5.62
C GLU A 216 -9.51 -5.14 -5.22
N ALA A 217 -8.73 -4.69 -6.20
CA ALA A 217 -7.54 -3.89 -5.94
C ALA A 217 -7.92 -2.46 -5.54
N LEU A 218 -9.14 -2.05 -5.92
CA LEU A 218 -9.63 -0.72 -5.63
C LEU A 218 -10.41 -0.73 -4.31
N PHE A 219 -10.57 -1.92 -3.72
CA PHE A 219 -11.30 -2.08 -2.46
C PHE A 219 -10.37 -2.62 -1.38
N ASP A 220 -9.61 -3.69 -1.71
CA ASP A 220 -8.77 -4.38 -0.75
C ASP A 220 -7.41 -3.68 -0.64
N ARG A 221 -7.00 -2.99 -1.70
CA ARG A 221 -5.74 -2.27 -1.74
C ARG A 221 -4.57 -3.25 -1.55
N VAL A 222 -4.67 -4.39 -2.24
CA VAL A 222 -3.54 -5.31 -2.39
C VAL A 222 -3.58 -5.84 -3.82
N TYR A 223 -2.44 -5.77 -4.51
CA TYR A 223 -2.38 -6.10 -5.92
C TYR A 223 -1.95 -7.55 -6.08
N THR A 224 -2.38 -8.15 -7.19
CA THR A 224 -2.00 -9.51 -7.57
C THR A 224 -1.93 -9.57 -9.10
N HIS A 225 -1.57 -10.74 -9.62
CA HIS A 225 -1.47 -10.95 -11.06
C HIS A 225 -2.85 -10.85 -11.71
N GLN A 226 -3.89 -11.26 -10.97
CA GLN A 226 -5.26 -11.19 -11.44
C GLN A 226 -5.65 -9.73 -11.64
N SER A 227 -5.25 -8.89 -10.68
CA SER A 227 -5.39 -7.44 -10.77
C SER A 227 -4.57 -6.91 -11.96
N ASP A 228 -3.40 -7.50 -12.19
CA ASP A 228 -2.56 -7.10 -13.30
C ASP A 228 -3.24 -7.40 -14.63
N VAL A 229 -3.84 -8.60 -14.73
CA VAL A 229 -4.55 -9.01 -15.93
C VAL A 229 -5.60 -7.95 -16.26
N TRP A 230 -6.36 -7.53 -15.24
CA TRP A 230 -7.32 -6.44 -15.39
C TRP A 230 -6.61 -5.23 -16.00
N SER A 231 -5.55 -4.77 -15.33
CA SER A 231 -4.83 -3.58 -15.74
C SER A 231 -4.35 -3.71 -17.18
N PHE A 232 -4.00 -4.94 -17.59
CA PHE A 232 -3.62 -5.21 -18.97
C PHE A 232 -4.84 -5.04 -19.88
N GLY A 233 -5.98 -5.61 -19.45
CA GLY A 233 -7.23 -5.42 -20.15
C GLY A 233 -7.50 -3.95 -20.42
N VAL A 234 -7.24 -3.11 -19.42
CA VAL A 234 -7.45 -1.67 -19.52
C VAL A 234 -6.42 -1.09 -20.49
N LEU A 235 -5.16 -1.55 -20.35
CA LEU A 235 -4.10 -1.15 -21.26
C LEU A 235 -4.53 -1.44 -22.69
N MET A 236 -5.05 -2.65 -22.93
CA MET A 236 -5.49 -3.06 -24.26
C MET A 236 -6.49 -2.04 -24.82
N TRP A 237 -7.54 -1.73 -24.04
CA TRP A 237 -8.52 -0.74 -24.44
C TRP A 237 -7.82 0.57 -24.81
N GLU A 238 -6.80 0.93 -24.01
CA GLU A 238 -6.07 2.17 -24.20
C GLU A 238 -5.28 2.12 -25.51
N ILE A 239 -4.90 0.91 -25.95
CA ILE A 239 -4.16 0.71 -27.19
C ILE A 239 -5.09 0.85 -28.39
N PHE A 240 -6.19 0.08 -28.39
CA PHE A 240 -7.06 -0.02 -29.55
C PHE A 240 -7.88 1.26 -29.73
N THR A 241 -8.01 2.05 -28.65
CA THR A 241 -8.67 3.34 -28.73
C THR A 241 -7.66 4.40 -29.19
N LEU A 242 -6.38 4.01 -29.26
CA LEU A 242 -5.31 4.88 -29.73
C LEU A 242 -5.15 6.05 -28.76
N GLY A 243 -4.76 5.73 -27.52
CA GLY A 243 -4.47 6.72 -26.51
C GLY A 243 -5.72 7.47 -26.06
N GLY A 244 -6.64 6.75 -25.41
CA GLY A 244 -7.95 7.28 -25.04
C GLY A 244 -8.13 7.27 -23.53
N SER A 245 -9.11 8.06 -23.07
CA SER A 245 -9.37 8.23 -21.65
C SER A 245 -10.30 7.12 -21.15
N PRO A 246 -9.85 6.26 -20.21
CA PRO A 246 -10.73 5.27 -19.60
C PRO A 246 -11.94 5.88 -18.88
N TYR A 247 -13.07 5.18 -18.97
CA TYR A 247 -14.33 5.59 -18.35
C TYR A 247 -14.52 7.09 -18.54
N PRO A 248 -14.45 7.62 -19.78
CA PRO A 248 -14.30 9.05 -20.01
C PRO A 248 -15.54 9.85 -19.65
N GLY A 249 -15.64 10.26 -18.38
CA GLY A 249 -16.76 11.06 -17.91
C GLY A 249 -17.21 10.63 -16.51
N ILE A 250 -17.12 9.32 -16.23
CA ILE A 250 -17.59 8.77 -14.97
C ILE A 250 -16.76 9.41 -13.84
N PRO A 251 -17.40 10.05 -12.84
CA PRO A 251 -16.67 10.54 -11.68
C PRO A 251 -16.05 9.41 -10.88
N VAL A 252 -14.84 9.65 -10.36
CA VAL A 252 -14.03 8.63 -9.71
C VAL A 252 -14.75 8.09 -8.47
N GLU A 253 -15.58 8.93 -7.85
CA GLU A 253 -16.25 8.59 -6.61
C GLU A 253 -17.24 7.44 -6.81
N GLU A 254 -17.82 7.31 -8.01
CA GLU A 254 -18.84 6.29 -8.25
C GLU A 254 -18.33 5.18 -9.17
N LEU A 255 -17.10 5.30 -9.69
CA LEU A 255 -16.56 4.31 -10.61
C LEU A 255 -16.69 2.92 -10.02
N PHE A 256 -16.18 2.74 -8.79
CA PHE A 256 -16.16 1.44 -8.14
C PHE A 256 -17.56 0.85 -8.12
N LYS A 257 -18.56 1.68 -7.77
CA LYS A 257 -19.95 1.24 -7.67
C LYS A 257 -20.43 0.68 -9.01
N LEU A 258 -20.04 1.33 -10.11
CA LEU A 258 -20.44 0.92 -11.44
C LEU A 258 -19.78 -0.41 -11.81
N LEU A 259 -18.49 -0.55 -11.49
CA LEU A 259 -17.77 -1.79 -11.74
C LEU A 259 -18.35 -2.91 -10.87
N LYS A 260 -18.64 -2.57 -9.61
CA LYS A 260 -19.23 -3.51 -8.67
C LYS A 260 -20.55 -4.04 -9.21
N GLU A 261 -21.27 -3.19 -9.96
CA GLU A 261 -22.53 -3.56 -10.58
C GLU A 261 -22.29 -4.39 -11.84
N GLY A 262 -21.31 -3.98 -12.66
CA GLY A 262 -20.99 -4.71 -13.88
C GLY A 262 -20.55 -3.80 -15.04
N HIS A 263 -20.62 -2.47 -14.85
CA HIS A 263 -20.19 -1.53 -15.87
C HIS A 263 -18.85 -1.97 -16.45
N ARG A 264 -18.82 -2.19 -17.77
CA ARG A 264 -17.59 -2.47 -18.49
C ARG A 264 -17.50 -1.53 -19.68
N MET A 265 -16.27 -1.20 -20.08
CA MET A 265 -16.03 -0.25 -21.14
C MET A 265 -16.58 -0.83 -22.44
N ASP A 266 -17.16 0.04 -23.28
CA ASP A 266 -17.77 -0.39 -24.52
C ASP A 266 -16.70 -0.67 -25.56
N LYS A 267 -17.02 -1.53 -26.52
CA LYS A 267 -16.06 -1.99 -27.51
C LYS A 267 -15.37 -0.80 -28.17
N PRO A 268 -14.03 -0.85 -28.40
CA PRO A 268 -13.35 0.15 -29.21
C PRO A 268 -13.63 0.00 -30.70
N ALA A 269 -13.55 1.11 -31.43
CA ALA A 269 -13.81 1.13 -32.85
C ALA A 269 -12.68 0.43 -33.60
N ASN A 270 -13.05 -0.31 -34.67
CA ASN A 270 -12.11 -1.00 -35.54
C ASN A 270 -11.48 -2.19 -34.81
N CYS A 271 -11.97 -2.49 -33.59
CA CYS A 271 -11.51 -3.64 -32.83
C CYS A 271 -12.40 -4.84 -33.14
N THR A 272 -11.79 -6.02 -33.23
CA THR A 272 -12.53 -7.24 -33.50
C THR A 272 -13.19 -7.69 -32.19
N ASN A 273 -14.36 -8.34 -32.32
CA ASN A 273 -15.11 -8.82 -31.18
C ASN A 273 -14.21 -9.68 -30.29
N GLU A 274 -13.47 -10.60 -30.92
CA GLU A 274 -12.64 -11.55 -30.20
C GLU A 274 -11.65 -10.84 -29.28
N LEU A 275 -11.15 -9.67 -29.72
CA LEU A 275 -10.23 -8.87 -28.93
C LEU A 275 -11.01 -8.08 -27.87
N TYR A 276 -12.24 -7.69 -28.19
CA TYR A 276 -13.12 -7.04 -27.23
C TYR A 276 -13.51 -8.04 -26.14
N MET A 277 -13.71 -9.30 -26.51
CA MET A 277 -14.09 -10.34 -25.57
C MET A 277 -12.96 -10.58 -24.57
N MET A 278 -11.73 -10.59 -25.07
CA MET A 278 -10.55 -10.92 -24.27
C MET A 278 -10.34 -9.86 -23.19
N MET A 279 -10.56 -8.59 -23.56
CA MET A 279 -10.51 -7.47 -22.63
C MET A 279 -11.52 -7.69 -21.51
N ARG A 280 -12.76 -8.03 -21.89
CA ARG A 280 -13.82 -8.27 -20.94
C ARG A 280 -13.47 -9.47 -20.05
N ASP A 281 -12.84 -10.49 -20.64
CA ASP A 281 -12.40 -11.66 -19.92
C ASP A 281 -11.37 -11.24 -18.87
N CYS A 282 -10.48 -10.31 -19.24
CA CYS A 282 -9.53 -9.72 -18.30
C CYS A 282 -10.30 -8.99 -17.20
N TRP A 283 -11.44 -8.37 -17.57
CA TRP A 283 -12.28 -7.64 -16.63
C TRP A 283 -13.34 -8.54 -16.01
N HIS A 284 -12.99 -9.81 -15.73
CA HIS A 284 -13.94 -10.73 -15.13
C HIS A 284 -13.96 -10.49 -13.62
N ALA A 285 -15.16 -10.38 -13.05
CA ALA A 285 -15.33 -9.99 -11.66
C ALA A 285 -14.47 -10.83 -10.74
N VAL A 286 -14.69 -12.16 -10.76
CA VAL A 286 -13.93 -13.07 -9.91
C VAL A 286 -12.51 -13.15 -10.44
N PRO A 287 -11.47 -12.88 -9.60
CA PRO A 287 -10.09 -12.92 -10.05
C PRO A 287 -9.67 -14.21 -10.78
N SER A 288 -10.24 -15.35 -10.34
CA SER A 288 -9.84 -16.65 -10.82
C SER A 288 -10.06 -16.80 -12.32
N GLN A 289 -11.31 -16.63 -12.77
CA GLN A 289 -11.70 -16.98 -14.13
C GLN A 289 -11.09 -16.01 -15.14
N ARG A 290 -10.44 -14.94 -14.66
CA ARG A 290 -9.71 -14.05 -15.53
C ARG A 290 -8.60 -14.82 -16.24
N PRO A 291 -8.24 -14.44 -17.49
CA PRO A 291 -7.25 -15.17 -18.26
C PRO A 291 -5.86 -15.16 -17.62
N THR A 292 -5.14 -16.28 -17.79
CA THR A 292 -3.74 -16.37 -17.40
C THR A 292 -2.93 -15.52 -18.37
N PHE A 293 -1.76 -15.06 -17.92
CA PHE A 293 -0.85 -14.30 -18.76
C PHE A 293 -0.49 -15.14 -19.99
N LYS A 294 -0.08 -16.39 -19.75
CA LYS A 294 0.17 -17.35 -20.81
C LYS A 294 -1.05 -17.43 -21.73
N GLN A 295 -2.23 -17.60 -21.12
CA GLN A 295 -3.49 -17.75 -21.83
C GLN A 295 -3.66 -16.61 -22.82
N LEU A 296 -3.30 -15.39 -22.41
CA LEU A 296 -3.39 -14.22 -23.28
C LEU A 296 -2.34 -14.29 -24.37
N VAL A 297 -1.09 -14.58 -23.97
CA VAL A 297 0.05 -14.61 -24.88
C VAL A 297 -0.25 -15.55 -26.05
N GLU A 298 -0.71 -16.77 -25.72
CA GLU A 298 -1.02 -17.79 -26.70
C GLU A 298 -2.07 -17.26 -27.68
N ASP A 299 -3.19 -16.77 -27.13
CA ASP A 299 -4.32 -16.29 -27.92
C ASP A 299 -3.86 -15.19 -28.87
N LEU A 300 -3.01 -14.29 -28.38
CA LEU A 300 -2.56 -13.13 -29.14
C LEU A 300 -1.67 -13.56 -30.31
N ASP A 301 -0.80 -14.55 -30.07
CA ASP A 301 0.09 -15.07 -31.10
C ASP A 301 -0.75 -15.71 -32.22
N ARG A 302 -1.77 -16.48 -31.82
CA ARG A 302 -2.64 -17.17 -32.78
C ARG A 302 -3.41 -16.16 -33.63
N ILE A 303 -3.86 -15.08 -33.00
CA ILE A 303 -4.56 -14.02 -33.72
C ILE A 303 -3.60 -13.37 -34.72
N LEU A 304 -2.33 -13.20 -34.30
CA LEU A 304 -1.35 -12.48 -35.09
C LEU A 304 -0.98 -13.28 -36.34
N THR A 305 -0.87 -14.62 -36.19
CA THR A 305 -0.55 -15.48 -37.31
C THR A 305 -1.59 -15.28 -38.42
N LEU A 306 -2.86 -15.05 -38.02
CA LEU A 306 -3.93 -14.74 -38.95
C LEU A 306 -4.13 -13.23 -39.02
N THR A 307 -3.29 -12.55 -39.82
CA THR A 307 -3.45 -11.12 -40.07
C THR A 307 -3.45 -10.88 -41.57
N GLU B 13 14.80 4.45 36.89
CA GLU B 13 14.61 4.25 38.35
C GLU B 13 14.24 2.78 38.60
N ASP B 14 13.20 2.53 39.41
CA ASP B 14 12.84 1.18 39.82
C ASP B 14 11.43 1.18 40.40
N PRO B 15 10.50 0.36 39.86
CA PRO B 15 9.17 0.20 40.42
C PRO B 15 9.02 -1.12 41.18
N LYS B 16 7.97 -1.89 40.84
CA LYS B 16 7.72 -3.20 41.39
C LYS B 16 7.55 -4.22 40.26
N TRP B 17 7.06 -3.76 39.11
CA TRP B 17 6.76 -4.62 37.97
C TRP B 17 8.05 -5.10 37.29
N GLU B 18 9.19 -4.52 37.69
CA GLU B 18 10.48 -4.88 37.13
C GLU B 18 10.53 -6.39 36.90
N PHE B 19 10.58 -6.80 35.63
CA PHE B 19 10.54 -8.21 35.26
C PHE B 19 11.97 -8.73 35.18
N PRO B 20 12.33 -9.79 35.95
CA PRO B 20 13.65 -10.41 35.83
C PRO B 20 14.08 -10.66 34.40
N ARG B 21 15.24 -10.09 34.03
CA ARG B 21 15.72 -10.09 32.65
C ARG B 21 15.99 -11.52 32.19
N ASP B 22 16.41 -12.38 33.12
CA ASP B 22 16.88 -13.73 32.80
C ASP B 22 15.71 -14.66 32.51
N LYS B 23 14.48 -14.13 32.51
CA LYS B 23 13.30 -14.89 32.15
C LYS B 23 12.84 -14.54 30.73
N LEU B 24 13.04 -13.28 30.34
CA LEU B 24 12.70 -12.81 29.01
C LEU B 24 13.62 -13.45 27.98
N THR B 25 13.02 -13.97 26.89
CA THR B 25 13.77 -14.52 25.76
C THR B 25 13.16 -13.97 24.47
N LEU B 26 13.93 -13.15 23.75
CA LEU B 26 13.43 -12.45 22.59
C LEU B 26 13.49 -13.37 21.37
N GLY B 27 12.57 -13.15 20.41
CA GLY B 27 12.42 -14.02 19.26
C GLY B 27 12.27 -13.24 17.96
N LYS B 28 11.21 -13.54 17.20
CA LYS B 28 11.00 -12.99 15.87
C LYS B 28 10.47 -11.55 15.97
N PRO B 29 10.89 -10.64 15.08
CA PRO B 29 10.46 -9.24 15.13
C PRO B 29 8.99 -9.04 14.78
N LEU B 30 8.45 -7.88 15.16
CA LEU B 30 7.04 -7.57 14.98
C LEU B 30 6.89 -6.16 14.41
N GLY B 31 6.96 -6.05 13.08
CA GLY B 31 6.49 -4.88 12.35
C GLY B 31 7.56 -3.80 12.20
N GLU B 32 7.13 -2.68 11.61
CA GLU B 32 8.00 -1.54 11.32
C GLU B 32 7.85 -0.52 12.44
N GLY B 33 8.56 0.61 12.33
CA GLY B 33 8.55 1.64 13.35
C GLY B 33 7.42 2.66 13.13
N CYS B 34 6.21 2.18 12.82
CA CYS B 34 5.04 3.02 12.76
C CYS B 34 4.54 3.25 14.19
N PHE B 35 4.80 2.26 15.05
CA PHE B 35 4.70 2.40 16.50
C PHE B 35 6.09 2.42 17.11
N GLY B 36 6.99 1.58 16.57
CA GLY B 36 8.35 1.45 17.07
C GLY B 36 8.91 0.07 16.74
N GLN B 37 10.09 -0.24 17.29
CA GLN B 37 10.72 -1.53 17.04
C GLN B 37 10.31 -2.52 18.14
N VAL B 38 9.50 -3.51 17.75
CA VAL B 38 8.94 -4.48 18.68
C VAL B 38 9.29 -5.88 18.18
N VAL B 39 9.38 -6.83 19.12
CA VAL B 39 9.75 -8.20 18.80
C VAL B 39 8.89 -9.16 19.62
N MET B 40 8.51 -10.28 19.01
CA MET B 40 7.81 -11.36 19.71
C MET B 40 8.77 -11.94 20.75
N ALA B 41 8.42 -11.77 22.03
CA ALA B 41 9.28 -12.19 23.12
C ALA B 41 8.58 -13.25 23.96
N GLU B 42 9.37 -14.22 24.47
CA GLU B 42 8.86 -15.26 25.35
C GLU B 42 9.42 -15.04 26.75
N ALA B 43 8.56 -14.58 27.67
CA ALA B 43 8.92 -14.39 29.06
C ALA B 43 8.18 -15.42 29.91
N VAL B 44 8.77 -15.78 31.06
CA VAL B 44 8.21 -16.79 31.95
C VAL B 44 7.90 -16.13 33.29
N GLY B 45 6.74 -16.52 33.87
CA GLY B 45 6.27 -15.97 35.14
C GLY B 45 6.09 -14.45 35.09
N ILE B 46 5.40 -13.96 34.05
CA ILE B 46 5.14 -12.53 33.89
C ILE B 46 4.04 -12.13 34.85
N ASP B 47 2.91 -12.86 34.82
CA ASP B 47 1.81 -12.60 35.73
C ASP B 47 2.24 -13.02 37.13
N LYS B 48 1.87 -12.20 38.12
CA LYS B 48 2.11 -12.51 39.51
C LYS B 48 1.38 -13.79 39.90
N ASP B 49 0.23 -14.04 39.25
CA ASP B 49 -0.64 -15.16 39.59
C ASP B 49 -0.38 -16.36 38.69
N LYS B 50 0.54 -16.23 37.72
CA LYS B 50 0.89 -17.33 36.83
C LYS B 50 2.41 -17.43 36.70
N PRO B 51 3.05 -18.51 37.21
CA PRO B 51 4.48 -18.74 37.02
C PRO B 51 4.79 -19.49 35.73
N LYS B 52 5.95 -20.16 35.67
CA LYS B 52 6.33 -21.08 34.62
C LYS B 52 6.19 -20.40 33.25
N GLU B 53 6.04 -21.21 32.20
CA GLU B 53 5.79 -20.72 30.84
C GLU B 53 4.67 -19.68 30.90
N ALA B 54 5.02 -18.41 30.63
CA ALA B 54 4.05 -17.33 30.68
C ALA B 54 3.70 -16.86 29.28
N VAL B 55 2.53 -16.25 29.16
CA VAL B 55 2.03 -15.72 27.89
C VAL B 55 3.20 -15.18 27.06
N THR B 56 3.46 -15.80 25.91
CA THR B 56 4.41 -15.26 24.96
C THR B 56 4.01 -13.80 24.70
N VAL B 57 4.92 -12.87 25.00
CA VAL B 57 4.61 -11.45 25.00
C VAL B 57 5.30 -10.79 23.82
N ALA B 58 5.36 -9.45 23.85
CA ALA B 58 6.13 -8.66 22.89
C ALA B 58 6.85 -7.54 23.65
N VAL B 59 7.93 -7.01 23.06
CA VAL B 59 8.80 -6.08 23.76
C VAL B 59 9.19 -4.93 22.84
N LYS B 60 9.29 -3.72 23.42
CA LYS B 60 9.79 -2.55 22.73
C LYS B 60 11.20 -2.23 23.22
N MET B 61 12.11 -1.96 22.27
CA MET B 61 13.49 -1.64 22.57
C MET B 61 13.99 -0.63 21.55
N LEU B 62 15.22 -0.13 21.75
CA LEU B 62 15.88 0.74 20.79
C LEU B 62 16.99 -0.03 20.09
N LYS B 63 18.09 -0.31 20.81
CA LYS B 63 19.18 -1.14 20.32
C LYS B 63 19.67 -0.68 18.95
N ASP B 64 19.54 0.62 18.66
CA ASP B 64 20.08 1.20 17.45
C ASP B 64 20.93 2.42 17.83
N ASP B 65 21.33 2.48 19.10
CA ASP B 65 22.10 3.60 19.62
C ASP B 65 21.43 4.90 19.17
N ALA B 66 20.12 5.00 19.41
CA ALA B 66 19.31 6.09 18.91
C ALA B 66 19.37 7.28 19.86
N THR B 67 18.63 8.34 19.53
CA THR B 67 18.71 9.63 20.22
C THR B 67 18.26 9.46 21.67
N GLU B 68 18.65 10.42 22.52
CA GLU B 68 18.16 10.54 23.88
C GLU B 68 16.65 10.78 23.88
N LYS B 69 16.21 11.73 23.06
CA LYS B 69 14.80 12.06 22.91
C LYS B 69 13.99 10.78 22.68
N ASP B 70 14.54 9.87 21.86
CA ASP B 70 13.90 8.58 21.59
C ASP B 70 13.67 7.82 22.89
N LEU B 71 14.67 7.84 23.78
CA LEU B 71 14.57 7.19 25.08
C LEU B 71 13.65 7.99 26.00
N SER B 72 13.81 9.32 26.00
CA SER B 72 12.99 10.21 26.81
C SER B 72 11.52 10.00 26.49
N ASP B 73 11.22 9.73 25.21
CA ASP B 73 9.86 9.39 24.77
C ASP B 73 9.48 8.01 25.30
N LEU B 74 10.39 7.04 25.16
CA LEU B 74 10.12 5.65 25.48
C LEU B 74 9.75 5.49 26.95
N VAL B 75 10.28 6.37 27.81
CA VAL B 75 9.96 6.35 29.24
C VAL B 75 8.68 7.15 29.48
N SER B 76 8.47 8.22 28.69
CA SER B 76 7.23 8.97 28.73
C SER B 76 6.06 8.08 28.32
N GLU B 77 6.34 7.13 27.41
CA GLU B 77 5.36 6.16 26.94
C GLU B 77 5.08 5.13 28.03
N MET B 78 6.13 4.69 28.71
CA MET B 78 6.01 3.70 29.78
C MET B 78 5.12 4.26 30.89
N GLU B 79 5.50 5.44 31.41
CA GLU B 79 4.76 6.10 32.48
C GLU B 79 3.32 6.37 32.04
N MET B 80 3.14 6.70 30.74
CA MET B 80 1.82 6.90 30.17
C MET B 80 0.99 5.62 30.36
N MET B 81 1.55 4.47 29.94
CA MET B 81 0.85 3.21 29.97
C MET B 81 0.60 2.74 31.41
N LYS B 82 1.38 3.25 32.36
CA LYS B 82 1.20 2.96 33.77
C LYS B 82 0.01 3.75 34.31
N MET B 83 -0.26 4.92 33.70
CA MET B 83 -1.28 5.85 34.18
C MET B 83 -2.62 5.60 33.49
N ILE B 84 -2.61 5.03 32.28
CA ILE B 84 -3.85 4.82 31.53
C ILE B 84 -4.70 3.74 32.19
N GLY B 85 -4.08 2.90 33.05
CA GLY B 85 -4.81 1.93 33.82
C GLY B 85 -5.08 0.67 33.01
N LYS B 86 -5.94 -0.21 33.54
CA LYS B 86 -6.21 -1.50 32.91
C LYS B 86 -7.68 -1.55 32.47
N HIS B 87 -7.87 -1.73 31.16
CA HIS B 87 -9.16 -2.07 30.58
C HIS B 87 -8.97 -3.35 29.78
N LYS B 88 -10.03 -4.18 29.70
CA LYS B 88 -9.90 -5.48 29.08
C LYS B 88 -9.51 -5.31 27.61
N ASN B 89 -10.14 -4.34 26.93
CA ASN B 89 -10.01 -4.18 25.50
C ASN B 89 -8.98 -3.09 25.17
N ILE B 90 -7.82 -3.12 25.85
CA ILE B 90 -6.68 -2.27 25.51
C ILE B 90 -5.41 -3.09 25.69
N ILE B 91 -4.34 -2.69 24.98
CA ILE B 91 -3.03 -3.30 25.16
C ILE B 91 -2.45 -2.83 26.50
N ASN B 92 -2.55 -3.69 27.51
CA ASN B 92 -2.13 -3.36 28.87
C ASN B 92 -0.65 -3.70 29.04
N LEU B 93 0.05 -2.87 29.83
CA LEU B 93 1.43 -3.13 30.19
C LEU B 93 1.49 -4.35 31.10
N LEU B 94 2.29 -5.35 30.69
CA LEU B 94 2.40 -6.59 31.43
C LEU B 94 3.64 -6.56 32.32
N GLY B 95 4.65 -5.76 31.94
CA GLY B 95 5.84 -5.57 32.74
C GLY B 95 6.83 -4.63 32.07
N ALA B 96 8.03 -4.54 32.65
CA ALA B 96 9.12 -3.74 32.10
C ALA B 96 10.44 -4.15 32.74
N CYS B 97 11.55 -3.81 32.08
CA CYS B 97 12.88 -4.13 32.56
C CYS B 97 13.66 -2.82 32.76
N THR B 98 13.54 -2.24 33.96
CA THR B 98 14.02 -0.90 34.23
C THR B 98 15.52 -0.90 34.51
N GLN B 99 15.98 -1.85 35.34
CA GLN B 99 17.35 -1.85 35.82
C GLN B 99 18.04 -3.17 35.46
N ASP B 100 19.38 -3.16 35.54
CA ASP B 100 20.21 -4.32 35.20
C ASP B 100 20.11 -4.63 33.72
N GLY B 101 20.61 -3.71 32.88
CA GLY B 101 20.62 -3.89 31.44
C GLY B 101 19.81 -2.79 30.74
N PRO B 102 19.35 -3.03 29.48
CA PRO B 102 18.57 -2.03 28.75
C PRO B 102 17.09 -2.05 29.09
N LEU B 103 16.31 -1.21 28.38
CA LEU B 103 14.87 -1.14 28.61
C LEU B 103 14.16 -2.17 27.75
N TYR B 104 13.29 -2.98 28.38
CA TYR B 104 12.50 -3.99 27.70
C TYR B 104 11.07 -3.96 28.26
N VAL B 105 10.26 -3.00 27.79
CA VAL B 105 8.88 -2.88 28.21
C VAL B 105 8.09 -4.06 27.65
N ILE B 106 7.17 -4.61 28.46
CA ILE B 106 6.44 -5.82 28.14
C ILE B 106 4.95 -5.49 28.04
N PHE B 107 4.36 -5.76 26.87
CA PHE B 107 2.92 -5.59 26.66
C PHE B 107 2.30 -6.96 26.42
N GLU B 108 0.97 -6.99 26.37
CA GLU B 108 0.21 -8.18 26.02
C GLU B 108 0.27 -8.40 24.51
N TYR B 109 0.27 -9.68 24.11
CA TYR B 109 0.50 -10.07 22.74
C TYR B 109 -0.78 -10.64 22.12
N ALA B 110 -1.03 -10.28 20.86
CA ALA B 110 -2.15 -10.79 20.08
C ALA B 110 -1.68 -11.95 19.21
N SER B 111 -2.23 -13.14 19.49
CA SER B 111 -1.86 -14.35 18.76
C SER B 111 -2.33 -14.26 17.31
N LYS B 112 -3.58 -13.83 17.11
CA LYS B 112 -4.11 -13.57 15.78
C LYS B 112 -3.51 -12.27 15.26
N GLY B 113 -3.89 -11.87 14.04
CA GLY B 113 -3.29 -10.71 13.39
C GLY B 113 -4.04 -9.41 13.71
N ASN B 114 -3.79 -8.39 12.88
CA ASN B 114 -4.55 -7.16 12.89
C ASN B 114 -5.99 -7.44 12.49
N LEU B 115 -6.92 -6.59 12.94
CA LEU B 115 -8.32 -6.72 12.56
C LEU B 115 -8.44 -6.77 11.04
N ARG B 116 -7.72 -5.89 10.34
CA ARG B 116 -7.82 -5.81 8.89
C ARG B 116 -7.52 -7.19 8.29
N GLU B 117 -6.38 -7.76 8.68
CA GLU B 117 -5.95 -9.05 8.15
C GLU B 117 -6.84 -10.16 8.71
N TYR B 118 -7.22 -10.02 9.99
CA TYR B 118 -8.10 -10.97 10.65
C TYR B 118 -9.40 -11.09 9.85
N LEU B 119 -10.04 -9.96 9.57
CA LEU B 119 -11.33 -9.93 8.90
C LEU B 119 -11.22 -10.55 7.50
N ARG B 120 -10.16 -10.19 6.77
CA ARG B 120 -9.97 -10.62 5.39
C ARG B 120 -9.79 -12.13 5.32
N ALA B 121 -9.23 -12.72 6.37
CA ALA B 121 -8.99 -14.15 6.44
C ALA B 121 -10.20 -14.89 7.00
N ARG B 122 -11.17 -14.14 7.55
CA ARG B 122 -12.40 -14.73 8.07
C ARG B 122 -13.58 -14.42 7.15
N ARG B 123 -13.31 -13.81 5.99
CA ARG B 123 -14.34 -13.54 5.00
C ARG B 123 -14.86 -14.86 4.43
N PRO B 124 -16.16 -14.97 4.12
CA PRO B 124 -16.67 -16.08 3.32
C PRO B 124 -16.32 -15.95 1.83
N PRO B 125 -16.56 -17.01 1.01
CA PRO B 125 -16.33 -16.93 -0.43
C PRO B 125 -16.74 -15.60 -1.05
N VAL B 136 -6.73 -18.57 5.09
CA VAL B 136 -8.13 -18.09 5.31
C VAL B 136 -8.80 -19.01 6.35
N PRO B 137 -8.55 -18.79 7.66
CA PRO B 137 -9.24 -19.54 8.71
C PRO B 137 -10.76 -19.38 8.65
N GLU B 138 -11.48 -20.52 8.75
CA GLU B 138 -12.92 -20.53 8.55
C GLU B 138 -13.63 -20.30 9.88
N GLU B 139 -13.65 -19.04 10.33
CA GLU B 139 -14.44 -18.64 11.49
C GLU B 139 -15.66 -17.85 11.04
N GLN B 140 -15.73 -17.54 9.73
CA GLN B 140 -16.90 -16.93 9.12
C GLN B 140 -17.51 -15.88 10.05
N MET B 141 -16.68 -14.91 10.48
CA MET B 141 -17.12 -13.84 11.36
C MET B 141 -18.59 -13.52 11.06
N THR B 142 -19.48 -13.99 11.94
CA THR B 142 -20.91 -13.74 11.79
C THR B 142 -21.17 -12.28 12.14
N PHE B 143 -22.24 -11.70 11.58
CA PHE B 143 -22.66 -10.36 11.95
C PHE B 143 -22.57 -10.23 13.47
N LYS B 144 -23.11 -11.25 14.15
CA LYS B 144 -23.02 -11.42 15.59
C LYS B 144 -21.63 -11.02 16.09
N ASP B 145 -20.59 -11.56 15.45
CA ASP B 145 -19.21 -11.27 15.80
C ASP B 145 -18.87 -9.81 15.45
N LEU B 146 -19.38 -9.33 14.31
CA LEU B 146 -19.12 -7.98 13.85
C LEU B 146 -19.58 -6.97 14.90
N VAL B 147 -20.81 -7.15 15.42
CA VAL B 147 -21.36 -6.25 16.42
C VAL B 147 -20.61 -6.44 17.73
N SER B 148 -20.17 -7.67 18.02
CA SER B 148 -19.38 -7.95 19.21
C SER B 148 -18.10 -7.12 19.21
N CYS B 149 -17.41 -7.09 18.06
CA CYS B 149 -16.18 -6.33 17.89
C CYS B 149 -16.43 -4.85 18.13
N THR B 150 -17.37 -4.28 17.39
CA THR B 150 -17.66 -2.85 17.43
C THR B 150 -17.92 -2.43 18.88
N TYR B 151 -18.66 -3.27 19.61
CA TYR B 151 -19.03 -3.00 20.99
C TYR B 151 -17.79 -2.97 21.89
N GLN B 152 -16.87 -3.91 21.68
CA GLN B 152 -15.67 -4.03 22.50
C GLN B 152 -14.78 -2.80 22.28
N LEU B 153 -14.54 -2.45 21.01
CA LEU B 153 -13.67 -1.34 20.67
C LEU B 153 -14.32 -0.01 21.10
N ALA B 154 -15.64 0.08 20.97
CA ALA B 154 -16.38 1.25 21.40
C ALA B 154 -16.25 1.42 22.92
N ARG B 155 -16.57 0.35 23.64
CA ARG B 155 -16.44 0.32 25.09
C ARG B 155 -15.02 0.72 25.50
N GLY B 156 -14.03 0.17 24.77
CA GLY B 156 -12.63 0.40 25.06
C GLY B 156 -12.24 1.88 24.90
N MET B 157 -12.67 2.47 23.78
CA MET B 157 -12.36 3.86 23.48
C MET B 157 -12.88 4.78 24.58
N GLU B 158 -14.11 4.51 25.05
CA GLU B 158 -14.70 5.21 26.18
C GLU B 158 -13.69 5.33 27.30
N TYR B 159 -13.09 4.19 27.68
CA TYR B 159 -12.13 4.14 28.77
C TYR B 159 -10.92 5.00 28.45
N LEU B 160 -10.45 4.92 27.21
CA LEU B 160 -9.29 5.69 26.76
C LEU B 160 -9.69 7.16 26.61
N ALA B 161 -10.99 7.46 26.70
CA ALA B 161 -11.49 8.82 26.79
C ALA B 161 -11.79 9.18 28.25
N SER B 162 -12.16 8.18 29.06
CA SER B 162 -12.34 8.36 30.50
C SER B 162 -11.08 9.02 31.07
N GLN B 163 -9.93 8.44 30.73
CA GLN B 163 -8.65 9.10 30.88
C GLN B 163 -8.48 9.99 29.64
N LYS B 164 -8.17 11.28 29.84
CA LYS B 164 -8.16 12.24 28.75
C LYS B 164 -6.95 12.00 27.85
N CYS B 165 -7.00 10.91 27.06
CA CYS B 165 -5.94 10.56 26.13
C CYS B 165 -6.45 10.69 24.71
N ILE B 166 -5.51 10.82 23.76
CA ILE B 166 -5.85 11.00 22.35
C ILE B 166 -5.36 9.78 21.57
N HIS B 167 -6.22 9.31 20.64
CA HIS B 167 -5.97 8.11 19.87
C HIS B 167 -5.65 8.50 18.44
N ARG B 168 -4.37 8.35 18.05
CA ARG B 168 -3.92 8.78 16.72
C ARG B 168 -3.85 7.59 15.78
N ASP B 169 -4.32 7.78 14.55
CA ASP B 169 -4.39 6.73 13.54
C ASP B 169 -5.20 5.57 14.12
N LEU B 170 -6.46 5.85 14.47
CA LEU B 170 -7.39 4.82 14.90
C LEU B 170 -7.82 4.04 13.66
N ALA B 171 -7.23 2.85 13.47
CA ALA B 171 -7.49 2.04 12.30
C ALA B 171 -7.35 0.56 12.65
N ALA B 172 -7.71 -0.31 11.69
CA ALA B 172 -7.65 -1.75 11.89
C ALA B 172 -6.20 -2.22 11.98
N ARG B 173 -5.33 -1.55 11.20
CA ARG B 173 -3.89 -1.71 11.26
C ARG B 173 -3.33 -1.33 12.63
N ASN B 174 -4.18 -0.81 13.53
CA ASN B 174 -3.75 -0.41 14.87
C ASN B 174 -4.67 -1.03 15.93
N VAL B 175 -5.39 -2.10 15.55
CA VAL B 175 -6.25 -2.83 16.46
C VAL B 175 -5.94 -4.32 16.29
N LEU B 176 -5.75 -5.01 17.42
CA LEU B 176 -5.22 -6.38 17.42
C LEU B 176 -6.22 -7.34 18.04
N VAL B 177 -6.08 -8.63 17.67
CA VAL B 177 -6.97 -9.69 18.11
C VAL B 177 -6.14 -10.79 18.76
N THR B 178 -6.56 -11.24 19.95
CA THR B 178 -5.89 -12.30 20.67
C THR B 178 -6.39 -13.66 20.17
N GLU B 179 -5.80 -14.74 20.69
CA GLU B 179 -6.28 -16.09 20.44
C GLU B 179 -7.69 -16.24 21.03
N ASN B 180 -7.94 -15.53 22.14
CA ASN B 180 -9.25 -15.52 22.78
C ASN B 180 -10.28 -14.85 21.87
N ASN B 181 -9.81 -14.15 20.84
CA ASN B 181 -10.65 -13.39 19.93
C ASN B 181 -11.23 -12.19 20.66
N VAL B 182 -10.47 -11.65 21.63
CA VAL B 182 -10.82 -10.43 22.32
C VAL B 182 -10.06 -9.28 21.66
N MET B 183 -10.77 -8.17 21.39
CA MET B 183 -10.24 -7.06 20.63
C MET B 183 -9.49 -6.10 21.55
N LYS B 184 -8.45 -5.44 21.02
CA LYS B 184 -7.59 -4.57 21.80
C LYS B 184 -7.04 -3.44 20.94
N ILE B 185 -6.90 -2.25 21.55
CA ILE B 185 -6.49 -1.03 20.87
C ILE B 185 -5.06 -0.69 21.29
N ALA B 186 -4.32 -0.02 20.41
CA ALA B 186 -2.92 0.28 20.66
C ALA B 186 -2.48 1.58 19.98
N ASP B 187 -3.37 2.58 19.95
CA ASP B 187 -3.04 3.87 19.36
C ASP B 187 -3.29 4.98 20.37
N PHE B 188 -3.36 4.62 21.65
CA PHE B 188 -3.73 5.56 22.71
C PHE B 188 -2.52 6.39 23.10
N GLY B 189 -1.32 5.80 23.05
CA GLY B 189 -0.10 6.53 23.36
C GLY B 189 0.23 7.54 22.28
N THR B 203 5.01 9.78 17.65
CA THR B 203 4.53 10.43 16.41
C THR B 203 5.40 10.04 15.20
N THR B 204 6.28 9.05 15.36
CA THR B 204 7.13 8.58 14.28
C THR B 204 6.35 7.52 13.48
N ASN B 205 5.67 7.96 12.42
CA ASN B 205 4.82 7.09 11.62
C ASN B 205 5.40 6.96 10.22
N GLY B 206 5.30 8.04 9.43
CA GLY B 206 5.70 8.04 8.03
C GLY B 206 4.67 8.72 7.13
N ARG B 207 3.42 8.80 7.59
CA ARG B 207 2.34 9.40 6.81
C ARG B 207 1.19 9.80 7.73
N LEU B 208 0.21 10.53 7.18
CA LEU B 208 -0.97 10.97 7.92
C LEU B 208 -2.12 10.01 7.66
N PRO B 209 -2.91 9.63 8.69
CA PRO B 209 -4.08 8.78 8.50
C PRO B 209 -5.29 9.54 7.97
N VAL B 210 -5.12 10.11 6.76
CA VAL B 210 -6.03 11.11 6.22
C VAL B 210 -7.46 10.58 6.20
N LYS B 211 -7.66 9.40 5.60
CA LYS B 211 -8.99 8.86 5.39
C LYS B 211 -9.71 8.68 6.72
N TRP B 212 -8.93 8.45 7.79
CA TRP B 212 -9.47 8.16 9.11
C TRP B 212 -9.64 9.44 9.93
N MET B 213 -9.00 10.54 9.50
CA MET B 213 -9.08 11.81 10.21
C MET B 213 -10.41 12.49 9.89
N ALA B 214 -10.78 13.47 10.74
CA ALA B 214 -12.01 14.23 10.60
C ALA B 214 -11.73 15.53 9.83
N PRO B 215 -12.76 16.18 9.24
CA PRO B 215 -12.56 17.41 8.48
C PRO B 215 -11.97 18.55 9.31
N GLU B 216 -12.37 18.65 10.58
CA GLU B 216 -11.91 19.72 11.45
C GLU B 216 -10.40 19.59 11.70
N ALA B 217 -9.90 18.34 11.69
CA ALA B 217 -8.48 18.08 11.91
C ALA B 217 -7.71 18.26 10.61
N LEU B 218 -8.31 17.83 9.49
CA LEU B 218 -7.63 17.79 8.20
C LEU B 218 -7.62 19.18 7.56
N PHE B 219 -8.28 20.16 8.20
CA PHE B 219 -8.32 21.52 7.68
C PHE B 219 -8.00 22.54 8.78
N ASP B 220 -8.75 22.49 9.89
CA ASP B 220 -8.64 23.51 10.93
C ASP B 220 -7.55 23.11 11.94
N ARG B 221 -7.01 21.90 11.79
CA ARG B 221 -5.96 21.39 12.67
C ARG B 221 -6.44 21.41 14.12
N VAL B 222 -7.73 21.12 14.33
CA VAL B 222 -8.29 20.98 15.66
C VAL B 222 -8.56 19.49 15.89
N TYR B 223 -8.07 18.98 17.02
CA TYR B 223 -8.18 17.57 17.36
C TYR B 223 -8.95 17.45 18.67
N THR B 224 -10.17 16.90 18.59
CA THR B 224 -11.02 16.77 19.75
C THR B 224 -11.41 15.30 19.93
N HIS B 225 -12.01 15.00 21.08
CA HIS B 225 -12.58 13.69 21.35
C HIS B 225 -13.63 13.35 20.29
N GLN B 226 -14.36 14.37 19.81
CA GLN B 226 -15.31 14.23 18.72
C GLN B 226 -14.62 13.68 17.48
N SER B 227 -13.43 14.22 17.17
CA SER B 227 -12.67 13.83 15.98
C SER B 227 -12.37 12.33 15.98
N ASP B 228 -12.15 11.76 17.17
CA ASP B 228 -11.81 10.35 17.29
C ASP B 228 -13.03 9.49 16.94
N VAL B 229 -14.23 10.07 17.09
CA VAL B 229 -15.46 9.35 16.82
C VAL B 229 -15.58 9.13 15.31
N TRP B 230 -15.37 10.19 14.53
CA TRP B 230 -15.30 10.09 13.08
C TRP B 230 -14.51 8.85 12.69
N SER B 231 -13.31 8.72 13.26
CA SER B 231 -12.39 7.63 12.96
C SER B 231 -13.01 6.29 13.33
N PHE B 232 -13.77 6.25 14.44
CA PHE B 232 -14.42 5.02 14.87
C PHE B 232 -15.46 4.59 13.84
N GLY B 233 -16.17 5.57 13.26
CA GLY B 233 -17.08 5.31 12.16
C GLY B 233 -16.35 4.70 10.96
N VAL B 234 -15.12 5.16 10.72
CA VAL B 234 -14.28 4.65 9.66
C VAL B 234 -13.81 3.24 10.05
N LEU B 235 -13.52 3.05 11.34
CA LEU B 235 -13.10 1.75 11.85
C LEU B 235 -14.25 0.75 11.72
N MET B 236 -15.46 1.20 12.04
CA MET B 236 -16.64 0.37 11.89
C MET B 236 -16.86 0.00 10.43
N TRP B 237 -16.60 0.96 9.53
CA TRP B 237 -16.74 0.71 8.10
C TRP B 237 -15.86 -0.46 7.69
N GLU B 238 -14.61 -0.47 8.17
CA GLU B 238 -13.69 -1.57 7.93
C GLU B 238 -14.27 -2.89 8.44
N ILE B 239 -14.95 -2.83 9.60
CA ILE B 239 -15.49 -4.01 10.26
C ILE B 239 -16.57 -4.64 9.40
N PHE B 240 -17.54 -3.83 8.96
CA PHE B 240 -18.70 -4.35 8.24
C PHE B 240 -18.38 -4.58 6.77
N THR B 241 -17.30 -3.99 6.28
CA THR B 241 -16.80 -4.27 4.93
C THR B 241 -15.76 -5.38 4.99
N LEU B 242 -15.40 -5.81 6.20
CA LEU B 242 -14.53 -6.95 6.43
C LEU B 242 -13.12 -6.63 5.91
N GLY B 243 -12.49 -5.61 6.49
CA GLY B 243 -11.13 -5.23 6.17
C GLY B 243 -11.03 -4.67 4.75
N GLY B 244 -11.80 -3.61 4.48
CA GLY B 244 -11.81 -2.95 3.18
C GLY B 244 -11.21 -1.55 3.27
N SER B 245 -10.61 -1.09 2.17
CA SER B 245 -9.96 0.20 2.13
C SER B 245 -11.01 1.31 2.07
N PRO B 246 -10.81 2.45 2.77
CA PRO B 246 -11.79 3.52 2.80
C PRO B 246 -11.85 4.33 1.51
N TYR B 247 -12.91 5.15 1.40
CA TYR B 247 -13.21 5.97 0.23
C TYR B 247 -12.61 5.33 -1.03
N PRO B 248 -13.07 4.12 -1.42
CA PRO B 248 -12.43 3.36 -2.50
C PRO B 248 -12.52 4.04 -3.86
N GLY B 249 -11.42 3.97 -4.61
CA GLY B 249 -11.34 4.55 -5.94
C GLY B 249 -11.29 6.07 -5.91
N ILE B 250 -10.76 6.64 -4.82
CA ILE B 250 -10.66 8.07 -4.65
C ILE B 250 -9.27 8.43 -4.11
N PRO B 251 -8.41 9.14 -4.89
CA PRO B 251 -7.19 9.71 -4.34
C PRO B 251 -7.49 10.87 -3.40
N VAL B 252 -6.55 11.14 -2.48
CA VAL B 252 -6.79 12.04 -1.36
C VAL B 252 -6.80 13.49 -1.82
N GLU B 253 -6.19 13.77 -2.98
CA GLU B 253 -6.14 15.12 -3.53
C GLU B 253 -7.55 15.59 -3.88
N GLU B 254 -8.48 14.65 -4.10
CA GLU B 254 -9.86 14.99 -4.38
C GLU B 254 -10.74 14.72 -3.17
N LEU B 255 -10.28 13.83 -2.27
CA LEU B 255 -11.08 13.43 -1.11
C LEU B 255 -11.62 14.68 -0.41
N PHE B 256 -10.74 15.61 -0.03
CA PHE B 256 -11.16 16.78 0.73
C PHE B 256 -12.08 17.63 -0.14
N LYS B 257 -11.81 17.67 -1.46
CA LYS B 257 -12.70 18.33 -2.40
C LYS B 257 -14.10 17.70 -2.30
N LEU B 258 -14.15 16.38 -2.07
CA LEU B 258 -15.40 15.66 -1.95
C LEU B 258 -15.98 15.80 -0.54
N LEU B 259 -15.12 15.69 0.49
CA LEU B 259 -15.56 15.80 1.88
C LEU B 259 -16.10 17.21 2.13
N LYS B 260 -15.55 18.20 1.42
CA LYS B 260 -16.08 19.55 1.44
C LYS B 260 -17.54 19.54 1.03
N GLU B 261 -17.84 18.85 -0.09
CA GLU B 261 -19.18 18.81 -0.66
C GLU B 261 -20.06 17.83 0.12
N GLY B 262 -19.52 17.24 1.19
CA GLY B 262 -20.29 16.39 2.08
C GLY B 262 -20.42 14.97 1.54
N HIS B 263 -19.32 14.45 0.99
CA HIS B 263 -19.26 13.06 0.57
C HIS B 263 -19.19 12.16 1.80
N ARG B 264 -20.00 11.11 1.82
CA ARG B 264 -19.98 10.12 2.87
C ARG B 264 -19.96 8.74 2.23
N MET B 265 -19.37 7.77 2.92
CA MET B 265 -19.23 6.41 2.40
C MET B 265 -20.59 5.71 2.51
N ASP B 266 -20.80 4.71 1.65
CA ASP B 266 -22.10 4.07 1.51
C ASP B 266 -22.31 3.06 2.63
N LYS B 267 -23.54 2.54 2.71
CA LYS B 267 -23.87 1.46 3.64
C LYS B 267 -23.08 0.22 3.22
N PRO B 268 -22.21 -0.34 4.10
CA PRO B 268 -21.61 -1.64 3.84
C PRO B 268 -22.68 -2.69 3.55
N ALA B 269 -22.49 -3.45 2.47
CA ALA B 269 -23.48 -4.42 2.03
C ALA B 269 -24.03 -5.19 3.22
N ASN B 270 -23.13 -5.74 4.05
CA ASN B 270 -23.50 -6.48 5.24
C ASN B 270 -23.50 -5.53 6.43
N CYS B 271 -24.59 -4.76 6.58
CA CYS B 271 -24.77 -3.83 7.68
C CYS B 271 -26.22 -3.39 7.73
N THR B 272 -26.80 -3.43 8.94
CA THR B 272 -28.17 -2.99 9.14
C THR B 272 -28.23 -1.47 9.00
N ASN B 273 -29.45 -0.94 8.92
CA ASN B 273 -29.68 0.48 8.65
C ASN B 273 -29.40 1.28 9.93
N GLU B 274 -29.77 0.70 11.07
CA GLU B 274 -29.57 1.32 12.38
C GLU B 274 -28.09 1.69 12.57
N LEU B 275 -27.19 0.86 12.04
CA LEU B 275 -25.76 1.05 12.20
C LEU B 275 -25.25 2.11 11.22
N TYR B 276 -25.70 2.04 9.96
CA TYR B 276 -25.27 3.00 8.95
C TYR B 276 -25.45 4.41 9.50
N MET B 277 -26.59 4.65 10.16
CA MET B 277 -26.92 5.96 10.71
C MET B 277 -25.93 6.34 11.81
N MET B 278 -25.57 5.38 12.66
CA MET B 278 -24.53 5.60 13.65
C MET B 278 -23.28 6.12 12.95
N MET B 279 -22.79 5.35 11.98
CA MET B 279 -21.59 5.71 11.24
C MET B 279 -21.77 7.11 10.65
N ARG B 280 -22.98 7.40 10.14
CA ARG B 280 -23.29 8.70 9.57
C ARG B 280 -23.29 9.77 10.67
N ASP B 281 -23.76 9.41 11.87
CA ASP B 281 -23.77 10.33 13.00
C ASP B 281 -22.34 10.61 13.46
N CYS B 282 -21.49 9.57 13.50
CA CYS B 282 -20.08 9.73 13.78
C CYS B 282 -19.46 10.66 12.73
N TRP B 283 -20.02 10.64 11.52
CA TRP B 283 -19.57 11.50 10.43
C TRP B 283 -20.45 12.75 10.32
N HIS B 284 -21.08 13.16 11.44
CA HIS B 284 -21.94 14.33 11.45
C HIS B 284 -21.06 15.57 11.30
N ALA B 285 -21.32 16.35 10.25
CA ALA B 285 -20.49 17.48 9.87
C ALA B 285 -20.14 18.36 11.08
N VAL B 286 -21.12 18.49 11.99
CA VAL B 286 -21.00 19.36 13.15
C VAL B 286 -20.63 18.51 14.37
N PRO B 287 -19.39 18.65 14.92
CA PRO B 287 -18.91 17.77 15.97
C PRO B 287 -19.80 17.68 17.21
N SER B 288 -20.32 18.83 17.65
CA SER B 288 -21.16 18.90 18.84
C SER B 288 -22.33 17.92 18.75
N GLN B 289 -22.81 17.69 17.52
CA GLN B 289 -23.95 16.82 17.29
C GLN B 289 -23.51 15.36 17.15
N ARG B 290 -22.25 15.11 16.79
CA ARG B 290 -21.73 13.75 16.68
C ARG B 290 -21.96 13.01 17.99
N PRO B 291 -22.15 11.67 17.95
CA PRO B 291 -22.53 10.91 19.13
C PRO B 291 -21.39 10.75 20.15
N THR B 292 -21.77 10.69 21.42
CA THR B 292 -20.82 10.45 22.51
C THR B 292 -20.49 8.96 22.54
N PHE B 293 -19.27 8.63 22.96
CA PHE B 293 -18.82 7.25 22.98
C PHE B 293 -19.69 6.42 23.93
N LYS B 294 -19.98 6.96 25.12
CA LYS B 294 -20.82 6.29 26.08
C LYS B 294 -22.17 5.96 25.45
N GLN B 295 -22.67 6.85 24.59
CA GLN B 295 -23.87 6.59 23.81
C GLN B 295 -23.63 5.39 22.88
N LEU B 296 -22.52 5.43 22.14
CA LEU B 296 -22.19 4.37 21.20
C LEU B 296 -22.21 3.01 21.90
N VAL B 297 -21.64 2.96 23.10
CA VAL B 297 -21.57 1.74 23.89
C VAL B 297 -22.99 1.28 24.23
N GLU B 298 -23.84 2.23 24.62
CA GLU B 298 -25.22 1.94 24.98
C GLU B 298 -25.96 1.31 23.80
N ASP B 299 -25.88 1.97 22.64
CA ASP B 299 -26.64 1.56 21.46
C ASP B 299 -26.15 0.19 20.98
N LEU B 300 -24.83 -0.04 21.02
CA LEU B 300 -24.25 -1.29 20.55
C LEU B 300 -24.63 -2.43 21.51
N ASP B 301 -24.81 -2.10 22.79
CA ASP B 301 -25.26 -3.07 23.79
C ASP B 301 -26.70 -3.49 23.47
N ARG B 302 -27.54 -2.51 23.15
CA ARG B 302 -28.94 -2.76 22.77
C ARG B 302 -28.99 -3.73 21.60
N ILE B 303 -28.25 -3.41 20.53
CA ILE B 303 -28.29 -4.19 19.30
C ILE B 303 -27.81 -5.61 19.56
N LEU B 304 -26.82 -5.76 20.46
CA LEU B 304 -26.24 -7.05 20.77
C LEU B 304 -27.19 -7.90 21.61
N THR B 305 -27.90 -7.25 22.55
CA THR B 305 -28.86 -7.96 23.39
C THR B 305 -30.07 -8.38 22.56
N LEU B 306 -30.35 -7.64 21.49
CA LEU B 306 -31.38 -8.01 20.52
C LEU B 306 -30.96 -9.29 19.80
N THR B 307 -29.69 -9.32 19.32
CA THR B 307 -29.14 -10.47 18.62
C THR B 307 -30.26 -11.30 18.02
#